data_5TKM
#
_entry.id   5TKM
#
_cell.length_a   60.739
_cell.length_b   60.802
_cell.length_c   111.515
_cell.angle_alpha   90.00
_cell.angle_beta   90.00
_cell.angle_gamma   90.00
#
_symmetry.space_group_name_H-M   'P 21 21 21'
#
loop_
_entity.id
_entity.type
_entity.pdbx_description
1 polymer 'DNA dC->dU-editing enzyme APOBEC-3B'
2 non-polymer 'ZINC ION'
3 water water
#
_entity_poly.entity_id   1
_entity_poly.type   'polypeptide(L)'
_entity_poly.pdbx_seq_one_letter_code
;GPGGSGGMNPQIRNPMERMDRDTFYDNFENEPILSGRSYTWLCYEVKIKRGRSNLLWDTGVFRGQVYFKPQYHAEMCFLS
WFCGNQLPADKCFQITWFVSWTPCPDCVAKLAEFLSEHPNVTLTISAARLYYYSERDYRRALCRLSQAGARVKIMDYEEF
AYCWENFVDNEGQQFMPWYKFDENYAFLHRTLKEILRH
;
_entity_poly.pdbx_strand_id   A,B
#
# COMPACT_ATOMS: atom_id res chain seq x y z
N ASN A 14 9.87 9.84 -35.19
CA ASN A 14 10.80 8.92 -34.54
C ASN A 14 10.13 8.07 -33.43
N PRO A 15 9.33 8.67 -32.55
CA PRO A 15 8.39 7.88 -31.75
C PRO A 15 7.12 7.58 -32.54
N MET A 16 6.45 6.51 -32.15
CA MET A 16 5.15 6.16 -32.72
C MET A 16 4.02 6.82 -31.93
N GLU A 17 2.80 6.75 -32.47
CA GLU A 17 1.67 7.26 -31.70
C GLU A 17 1.13 6.22 -30.73
N ARG A 18 1.04 4.96 -31.17
CA ARG A 18 0.40 3.91 -30.39
C ARG A 18 1.03 2.58 -30.77
N MET A 19 0.88 1.60 -29.88
CA MET A 19 1.26 0.23 -30.19
C MET A 19 0.02 -0.63 -30.36
N ASP A 20 0.17 -1.76 -31.05
CA ASP A 20 -1.00 -2.60 -31.23
C ASP A 20 -1.29 -3.39 -29.96
N ARG A 21 -2.47 -4.02 -29.92
CA ARG A 21 -2.92 -4.72 -28.72
C ARG A 21 -2.02 -5.89 -28.36
N ASP A 22 -1.60 -6.66 -29.37
CA ASP A 22 -0.70 -7.80 -29.12
C ASP A 22 0.58 -7.34 -28.44
N THR A 23 1.20 -6.28 -28.97
CA THR A 23 2.43 -5.75 -28.39
C THR A 23 2.21 -5.35 -26.93
N PHE A 24 1.13 -4.60 -26.66
CA PHE A 24 0.88 -4.16 -25.29
C PHE A 24 0.76 -5.33 -24.34
N TYR A 25 -0.04 -6.34 -24.70
CA TYR A 25 -0.20 -7.49 -23.82
C TYR A 25 1.11 -8.24 -23.63
N ASP A 26 1.88 -8.41 -24.71
CA ASP A 26 3.11 -9.19 -24.62
C ASP A 26 4.18 -8.49 -23.78
N ASN A 27 4.15 -7.16 -23.71
CA ASN A 27 5.25 -6.42 -23.10
C ASN A 27 4.93 -5.80 -21.75
N PHE A 28 3.65 -5.60 -21.41
CA PHE A 28 3.33 -4.92 -20.17
C PHE A 28 2.80 -5.82 -19.07
N GLU A 29 2.71 -7.13 -19.29
CA GLU A 29 2.33 -8.06 -18.23
C GLU A 29 3.26 -7.94 -17.04
N ASN A 30 2.70 -7.67 -15.87
CA ASN A 30 3.53 -7.34 -14.70
C ASN A 30 3.98 -8.57 -13.92
N GLU A 31 4.40 -9.65 -14.60
CA GLU A 31 5.05 -10.77 -13.91
C GLU A 31 6.40 -10.32 -13.41
N PRO A 32 6.71 -10.47 -12.12
CA PRO A 32 8.03 -10.04 -11.64
C PRO A 32 9.16 -10.75 -12.35
N ILE A 33 9.03 -12.07 -12.54
CA ILE A 33 9.98 -12.88 -13.26
C ILE A 33 9.41 -13.16 -14.65
N LEU A 34 10.07 -12.64 -15.68
CA LEU A 34 9.52 -12.74 -17.03
C LEU A 34 10.68 -12.82 -18.00
N SER A 35 10.69 -13.86 -18.83
CA SER A 35 11.76 -14.08 -19.80
C SER A 35 11.28 -13.73 -21.21
N GLY A 36 12.22 -13.32 -22.06
CA GLY A 36 11.93 -13.11 -23.47
C GLY A 36 11.48 -11.71 -23.86
N ARG A 37 11.36 -10.79 -22.91
CA ARG A 37 10.95 -9.42 -23.24
C ARG A 37 12.21 -8.57 -23.33
N SER A 38 12.91 -8.73 -24.45
CA SER A 38 14.20 -8.09 -24.66
C SER A 38 14.08 -6.62 -25.04
N TYR A 39 12.87 -6.11 -25.20
CA TYR A 39 12.65 -4.69 -25.46
C TYR A 39 12.07 -4.00 -24.23
N THR A 40 12.30 -2.70 -24.16
CA THR A 40 11.58 -1.82 -23.26
C THR A 40 10.68 -0.93 -24.09
N TRP A 41 9.39 -0.91 -23.76
CA TRP A 41 8.44 -0.01 -24.39
C TRP A 41 8.18 1.15 -23.44
N LEU A 42 8.21 2.37 -23.97
CA LEU A 42 8.14 3.57 -23.12
C LEU A 42 7.05 4.45 -23.70
N CYS A 43 5.93 4.55 -23.00
CA CYS A 43 4.87 5.49 -23.32
C CYS A 43 5.10 6.78 -22.55
N TYR A 44 5.02 7.92 -23.23
CA TYR A 44 5.30 9.17 -22.56
C TYR A 44 4.18 10.18 -22.78
N GLU A 45 4.00 11.02 -21.78
CA GLU A 45 3.24 12.25 -21.88
C GLU A 45 4.13 13.39 -21.43
N VAL A 46 4.27 14.40 -22.28
CA VAL A 46 4.92 15.65 -21.92
C VAL A 46 3.82 16.68 -21.68
N LYS A 47 3.77 17.21 -20.47
CA LYS A 47 2.79 18.21 -20.10
C LYS A 47 3.49 19.50 -19.68
N ILE A 48 2.84 20.62 -19.97
CA ILE A 48 3.24 21.90 -19.41
C ILE A 48 2.42 22.10 -18.14
N LYS A 49 3.09 22.15 -17.00
CA LYS A 49 2.40 22.08 -15.72
C LYS A 49 2.80 23.28 -14.87
N ARG A 50 1.79 23.90 -14.25
CA ARG A 50 2.02 25.07 -13.42
C ARG A 50 0.83 25.13 -12.45
N GLY A 51 0.98 24.46 -11.31
CA GLY A 51 -0.10 24.35 -10.34
C GLY A 51 -1.32 23.64 -10.91
N ARG A 52 -2.40 24.39 -11.10
CA ARG A 52 -3.65 23.82 -11.56
C ARG A 52 -3.74 23.72 -13.07
N SER A 53 -2.96 24.50 -13.81
CA SER A 53 -2.83 24.33 -15.24
C SER A 53 -2.07 23.04 -15.53
N ASN A 54 -2.56 22.29 -16.51
CA ASN A 54 -1.96 20.98 -16.80
C ASN A 54 -2.29 20.64 -18.25
N LEU A 55 -1.43 21.09 -19.17
CA LEU A 55 -1.68 21.00 -20.59
C LEU A 55 -0.94 19.81 -21.16
N LEU A 56 -1.68 18.89 -21.77
CA LEU A 56 -1.05 17.84 -22.56
C LEU A 56 -0.36 18.47 -23.75
N TRP A 57 0.94 18.22 -23.88
CA TRP A 57 1.75 18.87 -24.91
C TRP A 57 2.26 17.91 -25.96
N ASP A 58 2.68 16.71 -25.57
CA ASP A 58 3.18 15.74 -26.52
C ASP A 58 2.99 14.36 -25.92
N THR A 59 2.70 13.38 -26.78
CA THR A 59 2.55 11.99 -26.39
C THR A 59 3.14 11.11 -27.47
N GLY A 60 3.48 9.89 -27.09
CA GLY A 60 4.04 8.96 -28.05
C GLY A 60 4.59 7.74 -27.36
N VAL A 61 5.23 6.89 -28.16
CA VAL A 61 5.72 5.60 -27.71
C VAL A 61 7.10 5.36 -28.33
N PHE A 62 8.07 5.00 -27.50
CA PHE A 62 9.38 4.55 -27.96
C PHE A 62 9.55 3.07 -27.62
N ARG A 63 10.28 2.37 -28.48
CA ARG A 63 10.76 1.03 -28.19
C ARG A 63 12.28 1.03 -28.28
N GLY A 64 12.91 0.40 -27.30
CA GLY A 64 14.35 0.24 -27.31
C GLY A 64 14.71 -1.13 -26.78
N GLN A 65 16.01 -1.37 -26.68
CA GLN A 65 16.51 -2.61 -26.10
C GLN A 65 16.60 -2.49 -24.59
N VAL A 66 16.40 -3.61 -23.90
CA VAL A 66 16.67 -3.65 -22.46
C VAL A 66 18.17 -3.73 -22.21
N TYR A 67 18.87 -4.54 -23.01
CA TYR A 67 20.29 -4.71 -22.89
C TYR A 67 20.94 -4.07 -24.12
N PHE A 68 22.16 -4.50 -24.46
CA PHE A 68 23.01 -3.81 -25.42
C PHE A 68 23.43 -2.46 -24.87
N LYS A 69 24.15 -1.68 -25.65
CA LYS A 69 24.70 -0.42 -25.16
C LYS A 69 23.58 0.60 -24.95
N PRO A 70 23.75 1.54 -24.01
CA PRO A 70 22.63 2.43 -23.65
C PRO A 70 22.14 3.30 -24.78
N GLN A 71 22.94 3.52 -25.82
CA GLN A 71 22.47 4.26 -26.99
C GLN A 71 21.23 3.61 -27.61
N TYR A 72 21.08 2.29 -27.45
CA TYR A 72 19.94 1.58 -28.00
C TYR A 72 18.75 1.53 -27.05
N HIS A 73 18.82 2.15 -25.89
CA HIS A 73 17.77 1.99 -24.89
C HIS A 73 16.65 3.00 -25.09
N ALA A 74 15.44 2.60 -24.72
CA ALA A 74 14.27 3.45 -24.86
C ALA A 74 14.46 4.78 -24.16
N GLU A 75 15.08 4.77 -22.98
CA GLU A 75 15.24 5.97 -22.18
C GLU A 75 16.15 6.98 -22.86
N MET A 76 17.20 6.52 -23.54
CA MET A 76 18.05 7.42 -24.32
C MET A 76 17.41 7.82 -25.64
N CYS A 77 16.61 6.92 -26.25
CA CYS A 77 15.79 7.33 -27.39
C CYS A 77 14.92 8.51 -27.01
N PHE A 78 14.25 8.41 -25.85
CA PHE A 78 13.41 9.51 -25.40
C PHE A 78 14.22 10.76 -25.12
N LEU A 79 15.35 10.62 -24.42
CA LEU A 79 16.09 11.81 -24.01
C LEU A 79 16.65 12.54 -25.23
N SER A 80 17.14 11.79 -26.22
CA SER A 80 17.66 12.42 -27.43
C SER A 80 16.55 13.13 -28.20
N TRP A 81 15.38 12.51 -28.32
CA TRP A 81 14.24 13.16 -28.95
C TRP A 81 13.80 14.40 -28.17
N PHE A 82 13.74 14.32 -26.83
CA PHE A 82 13.25 15.44 -26.03
C PHE A 82 14.19 16.65 -26.13
N CYS A 83 15.50 16.42 -26.03
CA CYS A 83 16.43 17.54 -26.17
C CYS A 83 16.40 18.15 -27.56
N GLY A 84 16.17 17.34 -28.59
CA GLY A 84 16.17 17.86 -29.95
C GLY A 84 14.86 18.50 -30.37
N ASN A 85 13.76 18.16 -29.71
CA ASN A 85 12.43 18.53 -30.20
C ASN A 85 11.57 19.27 -29.20
N GLN A 86 11.84 19.17 -27.91
CA GLN A 86 11.12 19.93 -26.91
C GLN A 86 11.95 21.05 -26.31
N LEU A 87 13.27 20.94 -26.40
CA LEU A 87 14.20 21.95 -25.92
C LEU A 87 14.90 22.53 -27.15
N PRO A 88 15.38 23.77 -27.06
CA PRO A 88 15.37 24.65 -25.89
C PRO A 88 13.99 25.23 -25.61
N ALA A 89 13.63 25.28 -24.33
CA ALA A 89 12.38 25.89 -23.91
C ALA A 89 12.47 26.16 -22.41
N ASP A 90 11.75 27.18 -21.98
CA ASP A 90 11.75 27.64 -20.59
C ASP A 90 10.59 27.09 -19.79
N LYS A 91 9.66 26.39 -20.43
CA LYS A 91 8.45 25.92 -19.77
C LYS A 91 8.78 24.97 -18.63
N CYS A 92 7.85 24.89 -17.68
CA CYS A 92 7.86 23.82 -16.68
C CYS A 92 7.27 22.58 -17.32
N PHE A 93 8.08 21.54 -17.45
CA PHE A 93 7.64 20.29 -18.05
C PHE A 93 7.41 19.25 -16.96
N GLN A 94 6.28 18.57 -17.05
CA GLN A 94 6.09 17.34 -16.29
C GLN A 94 6.09 16.19 -17.26
N ILE A 95 7.08 15.30 -17.15
CA ILE A 95 7.20 14.14 -18.02
C ILE A 95 6.67 12.93 -17.25
N THR A 96 5.75 12.20 -17.86
CA THR A 96 5.23 10.96 -17.31
C THR A 96 5.59 9.83 -18.25
N TRP A 97 6.22 8.79 -17.71
CA TRP A 97 6.51 7.59 -18.48
C TRP A 97 5.68 6.43 -17.97
N PHE A 98 5.22 5.61 -18.90
CA PHE A 98 4.68 4.28 -18.60
C PHE A 98 5.59 3.28 -19.29
N VAL A 99 6.38 2.54 -18.51
CA VAL A 99 7.46 1.75 -19.08
C VAL A 99 7.27 0.29 -18.71
N SER A 100 7.70 -0.59 -19.61
CA SER A 100 7.55 -2.01 -19.33
C SER A 100 8.64 -2.52 -18.40
N TRP A 101 9.83 -1.90 -18.42
CA TRP A 101 10.90 -2.16 -17.46
C TRP A 101 11.40 -0.84 -16.91
N THR A 102 11.89 -0.83 -15.66
CA THR A 102 12.58 0.36 -15.16
C THR A 102 13.95 0.51 -15.86
N PRO A 103 14.61 1.67 -15.71
CA PRO A 103 15.86 1.92 -16.45
C PRO A 103 17.06 1.17 -15.90
N CYS A 104 17.99 0.86 -16.80
CA CYS A 104 19.28 0.29 -16.42
C CYS A 104 20.08 1.32 -15.64
N PRO A 105 21.14 0.88 -14.94
CA PRO A 105 21.91 1.82 -14.11
C PRO A 105 22.58 2.92 -14.91
N ASP A 106 23.02 2.64 -16.14
CA ASP A 106 23.63 3.71 -16.93
C ASP A 106 22.60 4.76 -17.35
N CYS A 107 21.38 4.34 -17.67
CA CYS A 107 20.37 5.33 -18.00
C CYS A 107 19.90 6.08 -16.76
N VAL A 108 19.93 5.44 -15.58
CA VAL A 108 19.65 6.16 -14.35
C VAL A 108 20.62 7.33 -14.19
N ALA A 109 21.90 7.07 -14.44
CA ALA A 109 22.91 8.13 -14.29
C ALA A 109 22.64 9.27 -15.26
N LYS A 110 22.39 8.96 -16.54
CA LYS A 110 22.11 10.03 -17.51
C LYS A 110 20.85 10.79 -17.14
N LEU A 111 19.80 10.08 -16.72
CA LEU A 111 18.55 10.75 -16.35
C LEU A 111 18.73 11.61 -15.11
N ALA A 112 19.47 11.10 -14.12
CA ALA A 112 19.73 11.89 -12.92
C ALA A 112 20.52 13.15 -13.25
N GLU A 113 21.53 13.03 -14.10
CA GLU A 113 22.27 14.21 -14.52
C GLU A 113 21.38 15.19 -15.26
N PHE A 114 20.54 14.68 -16.17
CA PHE A 114 19.62 15.53 -16.91
C PHE A 114 18.69 16.30 -15.96
N LEU A 115 18.12 15.62 -14.97
CA LEU A 115 17.22 16.27 -14.04
C LEU A 115 17.93 17.31 -13.19
N SER A 116 19.18 17.03 -12.77
CA SER A 116 19.90 18.00 -11.96
C SER A 116 20.25 19.26 -12.75
N GLU A 117 20.39 19.15 -14.08
CA GLU A 117 20.72 20.31 -14.89
C GLU A 117 19.49 21.01 -15.45
N HIS A 118 18.30 20.44 -15.30
CA HIS A 118 17.06 21.02 -15.80
C HIS A 118 16.06 21.05 -14.67
N PRO A 119 16.17 22.02 -13.76
CA PRO A 119 15.22 22.08 -12.64
C PRO A 119 13.80 22.38 -13.06
N ASN A 120 13.58 22.86 -14.29
CA ASN A 120 12.24 23.08 -14.81
C ASN A 120 11.56 21.80 -15.30
N VAL A 121 12.23 20.64 -15.22
CA VAL A 121 11.67 19.37 -15.66
C VAL A 121 11.46 18.48 -14.44
N THR A 122 10.29 17.86 -14.34
CA THR A 122 10.06 16.79 -13.39
C THR A 122 9.70 15.52 -14.17
N LEU A 123 10.11 14.37 -13.64
CA LEU A 123 9.86 13.10 -14.30
C LEU A 123 9.19 12.15 -13.34
N THR A 124 8.16 11.46 -13.83
CA THR A 124 7.52 10.36 -13.13
C THR A 124 7.64 9.12 -13.99
N ILE A 125 8.13 8.02 -13.41
CA ILE A 125 8.24 6.76 -14.11
C ILE A 125 7.32 5.77 -13.40
N SER A 126 6.36 5.22 -14.13
CA SER A 126 5.50 4.12 -13.65
C SER A 126 5.85 2.90 -14.49
N ALA A 127 6.27 1.83 -13.83
CA ALA A 127 6.83 0.67 -14.51
C ALA A 127 5.93 -0.54 -14.34
N ALA A 128 5.80 -1.34 -15.40
CA ALA A 128 5.10 -2.62 -15.25
C ALA A 128 5.92 -3.62 -14.46
N ARG A 129 7.24 -3.67 -14.71
CA ARG A 129 8.13 -4.59 -14.03
C ARG A 129 9.41 -3.87 -13.64
N LEU A 130 10.13 -4.44 -12.69
CA LEU A 130 11.45 -3.96 -12.30
C LEU A 130 12.53 -4.59 -13.16
N TYR A 131 13.45 -3.76 -13.67
CA TYR A 131 14.69 -4.24 -14.26
C TYR A 131 15.39 -5.18 -13.27
N TYR A 132 16.11 -6.18 -13.77
CA TYR A 132 16.84 -7.10 -12.88
C TYR A 132 18.20 -6.49 -12.52
N TYR A 133 18.25 -5.74 -11.42
CA TYR A 133 19.47 -5.05 -11.02
C TYR A 133 20.44 -6.02 -10.37
N SER A 134 21.74 -5.76 -10.57
CA SER A 134 22.77 -6.53 -9.88
C SER A 134 22.77 -6.22 -8.39
N GLU A 135 23.51 -7.04 -7.64
CA GLU A 135 23.64 -6.81 -6.20
C GLU A 135 24.07 -5.39 -5.89
N ARG A 136 25.04 -4.87 -6.64
CA ARG A 136 25.54 -3.52 -6.39
C ARG A 136 24.51 -2.45 -6.76
N ASP A 137 23.72 -2.66 -7.81
CA ASP A 137 22.78 -1.64 -8.27
C ASP A 137 21.43 -1.72 -7.59
N TYR A 138 21.13 -2.85 -6.93
CA TYR A 138 19.77 -3.11 -6.46
C TYR A 138 19.28 -1.98 -5.55
N ARG A 139 20.04 -1.65 -4.52
CA ARG A 139 19.65 -0.61 -3.58
C ARG A 139 20.32 0.73 -3.89
N ARG A 140 20.86 0.90 -5.10
CA ARG A 140 21.50 2.15 -5.48
C ARG A 140 20.85 2.84 -6.67
N ALA A 141 20.56 2.10 -7.75
CA ALA A 141 20.22 2.76 -9.02
C ALA A 141 18.93 3.57 -8.90
N LEU A 142 17.82 2.90 -8.55
CA LEU A 142 16.57 3.66 -8.47
C LEU A 142 16.58 4.63 -7.30
N CYS A 143 17.31 4.30 -6.23
CA CYS A 143 17.45 5.26 -5.14
C CYS A 143 18.12 6.54 -5.61
N ARG A 144 19.15 6.43 -6.45
CA ARG A 144 19.82 7.63 -6.97
C ARG A 144 18.86 8.45 -7.83
N LEU A 145 18.07 7.78 -8.66
CA LEU A 145 17.13 8.49 -9.52
C LEU A 145 16.06 9.19 -8.69
N SER A 146 15.56 8.52 -7.66
CA SER A 146 14.56 9.13 -6.81
C SER A 146 15.13 10.32 -6.04
N GLN A 147 16.40 10.21 -5.64
CA GLN A 147 17.08 11.31 -4.95
C GLN A 147 17.29 12.52 -5.84
N ALA A 148 17.44 12.30 -7.15
CA ALA A 148 17.51 13.43 -8.06
C ALA A 148 16.15 14.06 -8.31
N GLY A 149 15.08 13.54 -7.70
CA GLY A 149 13.77 14.16 -7.76
C GLY A 149 12.75 13.42 -8.59
N ALA A 150 13.12 12.34 -9.27
CA ALA A 150 12.15 11.60 -10.07
C ALA A 150 11.25 10.79 -9.15
N ARG A 151 9.98 10.70 -9.53
CA ARG A 151 9.05 9.80 -8.85
C ARG A 151 9.04 8.46 -9.57
N VAL A 152 9.37 7.40 -8.86
CA VAL A 152 9.47 6.06 -9.42
C VAL A 152 8.42 5.21 -8.72
N LYS A 153 7.51 4.61 -9.49
CA LYS A 153 6.44 3.83 -8.90
C LYS A 153 6.10 2.64 -9.80
N ILE A 154 5.35 1.68 -9.23
CA ILE A 154 4.84 0.55 -9.98
C ILE A 154 3.52 0.96 -10.64
N MET A 155 3.34 0.55 -11.89
CA MET A 155 2.09 0.83 -12.60
C MET A 155 0.93 0.12 -11.93
N ASP A 156 -0.12 0.87 -11.58
CA ASP A 156 -1.31 0.29 -10.97
C ASP A 156 -2.41 0.12 -12.03
N TYR A 157 -3.54 -0.48 -11.61
CA TYR A 157 -4.58 -0.80 -12.59
C TYR A 157 -5.02 0.43 -13.37
N GLU A 158 -5.21 1.56 -12.67
CA GLU A 158 -5.69 2.76 -13.36
C GLU A 158 -4.74 3.20 -14.46
N GLU A 159 -3.44 2.99 -14.24
CA GLU A 159 -2.45 3.40 -15.23
C GLU A 159 -2.43 2.44 -16.43
N PHE A 160 -2.57 1.13 -16.18
CA PHE A 160 -2.74 0.20 -17.29
C PHE A 160 -3.95 0.56 -18.15
N ALA A 161 -5.07 0.89 -17.50
CA ALA A 161 -6.25 1.27 -18.26
C ALA A 161 -6.03 2.56 -19.03
N TYR A 162 -5.36 3.53 -18.39
CA TYR A 162 -5.03 4.79 -19.06
C TYR A 162 -4.12 4.55 -20.26
N CYS A 163 -3.19 3.60 -20.15
CA CYS A 163 -2.33 3.27 -21.28
C CYS A 163 -3.10 2.59 -22.38
N TRP A 164 -3.99 1.66 -22.02
CA TRP A 164 -4.81 1.00 -23.01
C TRP A 164 -5.59 2.01 -23.84
N GLU A 165 -6.11 3.04 -23.17
CA GLU A 165 -6.92 4.05 -23.83
C GLU A 165 -6.08 4.89 -24.78
N ASN A 166 -4.89 5.33 -24.33
CA ASN A 166 -4.16 6.36 -25.05
C ASN A 166 -2.97 5.88 -25.85
N PHE A 167 -2.36 4.75 -25.51
CA PHE A 167 -1.16 4.33 -26.23
C PHE A 167 -1.35 3.02 -26.98
N VAL A 168 -2.57 2.46 -27.03
CA VAL A 168 -2.84 1.21 -27.70
C VAL A 168 -3.92 1.43 -28.76
N ASP A 169 -3.70 0.85 -29.94
CA ASP A 169 -4.74 0.76 -30.96
C ASP A 169 -5.79 -0.25 -30.51
N ASN A 170 -6.59 0.13 -29.50
CA ASN A 170 -7.48 -0.84 -28.88
C ASN A 170 -8.67 -1.18 -29.77
N GLU A 171 -9.00 -0.31 -30.72
CA GLU A 171 -10.08 -0.56 -31.68
C GLU A 171 -11.38 -0.92 -30.98
N GLY A 172 -11.70 -0.20 -29.90
CA GLY A 172 -12.92 -0.40 -29.15
C GLY A 172 -12.84 -1.44 -28.04
N GLN A 173 -11.88 -2.35 -28.11
CA GLN A 173 -11.75 -3.39 -27.09
C GLN A 173 -11.49 -2.78 -25.71
N GLN A 174 -11.75 -3.57 -24.68
CA GLN A 174 -11.45 -3.21 -23.31
C GLN A 174 -10.13 -3.84 -22.88
N PHE A 175 -9.54 -3.27 -21.83
CA PHE A 175 -8.33 -3.86 -21.26
C PHE A 175 -8.73 -5.02 -20.35
N MET A 176 -8.22 -6.22 -20.64
CA MET A 176 -8.47 -7.40 -19.83
C MET A 176 -7.23 -7.72 -19.00
N PRO A 177 -7.24 -7.48 -17.69
CA PRO A 177 -6.03 -7.65 -16.89
C PRO A 177 -5.70 -9.11 -16.64
N TRP A 178 -4.41 -9.36 -16.45
CA TRP A 178 -3.94 -10.71 -16.16
C TRP A 178 -4.48 -11.20 -14.81
N TYR A 179 -4.71 -12.51 -14.73
CA TYR A 179 -5.33 -13.08 -13.53
C TYR A 179 -4.48 -12.82 -12.28
N LYS A 180 -3.16 -12.82 -12.42
CA LYS A 180 -2.28 -12.56 -11.30
C LYS A 180 -1.97 -11.08 -11.10
N PHE A 181 -2.72 -10.19 -11.74
CA PHE A 181 -2.38 -8.76 -11.69
C PHE A 181 -2.22 -8.27 -10.26
N ASP A 182 -3.18 -8.58 -9.40
CA ASP A 182 -3.20 -8.00 -8.06
C ASP A 182 -2.02 -8.49 -7.22
N GLU A 183 -1.72 -9.79 -7.24
CA GLU A 183 -0.61 -10.22 -6.39
C GLU A 183 0.73 -9.86 -7.00
N ASN A 184 0.81 -9.76 -8.33
CA ASN A 184 2.04 -9.27 -8.94
C ASN A 184 2.29 -7.83 -8.55
N TYR A 185 1.25 -6.98 -8.62
CA TYR A 185 1.39 -5.60 -8.21
C TYR A 185 1.88 -5.50 -6.76
N ALA A 186 1.27 -6.29 -5.87
CA ALA A 186 1.62 -6.22 -4.46
C ALA A 186 3.07 -6.61 -4.22
N PHE A 187 3.55 -7.65 -4.90
CA PHE A 187 4.94 -8.02 -4.75
C PHE A 187 5.87 -6.94 -5.29
N LEU A 188 5.54 -6.39 -6.46
CA LEU A 188 6.40 -5.36 -7.05
C LEU A 188 6.44 -4.10 -6.19
N HIS A 189 5.29 -3.69 -5.66
CA HIS A 189 5.22 -2.48 -4.85
C HIS A 189 6.06 -2.62 -3.58
N ARG A 190 6.04 -3.82 -2.99
CA ARG A 190 6.82 -4.06 -1.77
C ARG A 190 8.32 -4.09 -2.09
N THR A 191 8.70 -4.68 -3.22
CA THR A 191 10.11 -4.73 -3.62
C THR A 191 10.64 -3.35 -3.94
N LEU A 192 9.86 -2.53 -4.63
CA LEU A 192 10.32 -1.18 -4.94
C LEU A 192 10.45 -0.36 -3.66
N LYS A 193 9.49 -0.45 -2.76
CA LYS A 193 9.60 0.24 -1.48
C LYS A 193 10.91 -0.11 -0.77
N GLU A 194 11.33 -1.36 -0.84
CA GLU A 194 12.59 -1.76 -0.22
C GLU A 194 13.79 -1.15 -0.96
N ILE A 195 13.72 -1.13 -2.30
CA ILE A 195 14.77 -0.57 -3.14
C ILE A 195 14.96 0.92 -2.88
N LEU A 196 13.89 1.63 -2.56
CA LEU A 196 13.94 3.08 -2.35
C LEU A 196 14.13 3.47 -0.89
N ARG A 197 14.33 2.49 0.00
CA ARG A 197 14.28 2.63 1.47
C ARG A 197 12.82 2.61 1.95
N ASN B 14 -9.92 -10.15 35.08
CA ASN B 14 -11.02 -10.17 34.12
C ASN B 14 -10.54 -10.36 32.65
N PRO B 15 -9.49 -9.65 32.23
CA PRO B 15 -8.78 -10.07 31.02
C PRO B 15 -7.76 -11.15 31.35
N MET B 16 -7.43 -11.93 30.33
CA MET B 16 -6.37 -12.94 30.45
C MET B 16 -5.01 -12.34 30.09
N GLU B 17 -3.94 -13.09 30.35
CA GLU B 17 -2.64 -12.62 29.91
C GLU B 17 -2.35 -13.00 28.46
N ARG B 18 -2.70 -14.22 28.07
CA ARG B 18 -2.35 -14.75 26.76
C ARG B 18 -3.40 -15.77 26.35
N MET B 19 -3.48 -16.04 25.05
CA MET B 19 -4.31 -17.11 24.53
C MET B 19 -3.41 -18.26 24.04
N ASP B 20 -3.98 -19.45 23.95
CA ASP B 20 -3.16 -20.55 23.48
C ASP B 20 -3.02 -20.49 21.97
N ARG B 21 -2.08 -21.31 21.44
CA ARG B 21 -1.76 -21.26 20.01
C ARG B 21 -2.94 -21.65 19.13
N ASP B 22 -3.69 -22.69 19.53
CA ASP B 22 -4.86 -23.11 18.77
C ASP B 22 -5.85 -21.97 18.62
N THR B 23 -6.16 -21.30 19.74
CA THR B 23 -7.09 -20.17 19.71
C THR B 23 -6.60 -19.08 18.76
N PHE B 24 -5.32 -18.71 18.86
CA PHE B 24 -4.80 -17.65 17.99
C PHE B 24 -4.96 -18.02 16.52
N TYR B 25 -4.56 -19.23 16.14
CA TYR B 25 -4.68 -19.62 14.73
C TYR B 25 -6.14 -19.66 14.29
N ASP B 26 -7.03 -20.16 15.14
CA ASP B 26 -8.42 -20.32 14.75
C ASP B 26 -9.12 -18.97 14.59
N ASN B 27 -8.66 -17.94 15.30
CA ASN B 27 -9.40 -16.69 15.36
C ASN B 27 -8.77 -15.54 14.61
N PHE B 28 -7.47 -15.59 14.31
CA PHE B 28 -6.82 -14.44 13.69
C PHE B 28 -6.48 -14.64 12.21
N GLU B 29 -6.84 -15.78 11.62
CA GLU B 29 -6.65 -15.99 10.18
C GLU B 29 -7.37 -14.91 9.40
N ASN B 30 -6.64 -14.19 8.56
CA ASN B 30 -7.19 -13.00 7.90
C ASN B 30 -7.91 -13.32 6.59
N GLU B 31 -8.72 -14.39 6.54
CA GLU B 31 -9.62 -14.63 5.40
C GLU B 31 -10.70 -13.57 5.40
N PRO B 32 -10.90 -12.83 4.32
CA PRO B 32 -11.97 -11.81 4.33
C PRO B 32 -13.33 -12.41 4.59
N ILE B 33 -13.64 -13.54 3.95
CA ILE B 33 -14.88 -14.27 4.18
C ILE B 33 -14.56 -15.47 5.07
N LEU B 34 -15.13 -15.48 6.27
CA LEU B 34 -14.79 -16.51 7.22
C LEU B 34 -16.01 -16.77 8.09
N SER B 35 -16.44 -18.04 8.15
CA SER B 35 -17.61 -18.43 8.92
C SER B 35 -17.20 -19.15 10.21
N GLY B 36 -18.04 -19.05 11.23
CA GLY B 36 -17.86 -19.80 12.45
C GLY B 36 -17.04 -19.12 13.54
N ARG B 37 -16.52 -17.92 13.30
CA ARG B 37 -15.74 -17.21 14.32
C ARG B 37 -16.67 -16.23 15.02
N SER B 38 -17.50 -16.79 15.90
CA SER B 38 -18.54 -16.03 16.58
C SER B 38 -18.01 -15.19 17.74
N TYR B 39 -16.71 -15.28 18.04
CA TYR B 39 -16.09 -14.45 19.06
C TYR B 39 -15.20 -13.40 18.41
N THR B 40 -15.00 -12.31 19.14
CA THR B 40 -13.95 -11.35 18.85
C THR B 40 -12.91 -11.46 19.95
N TRP B 41 -11.65 -11.64 19.55
CA TRP B 41 -10.53 -11.64 20.49
C TRP B 41 -9.84 -10.30 20.38
N LEU B 42 -9.53 -9.69 21.52
CA LEU B 42 -8.99 -8.33 21.53
C LEU B 42 -7.75 -8.34 22.41
N CYS B 43 -6.59 -8.22 21.77
CA CYS B 43 -5.32 -8.02 22.47
C CYS B 43 -5.06 -6.54 22.63
N TYR B 44 -4.69 -6.11 23.83
CA TYR B 44 -4.50 -4.69 24.06
C TYR B 44 -3.15 -4.42 24.71
N GLU B 45 -2.60 -3.27 24.38
CA GLU B 45 -1.51 -2.65 25.11
C GLU B 45 -1.95 -1.25 25.50
N VAL B 46 -1.85 -0.95 26.78
CA VAL B 46 -2.02 0.40 27.28
C VAL B 46 -0.65 0.96 27.58
N LYS B 47 -0.30 2.05 26.92
CA LYS B 47 0.99 2.70 27.10
C LYS B 47 0.77 4.13 27.59
N ILE B 48 1.70 4.60 28.42
CA ILE B 48 1.80 6.01 28.75
C ILE B 48 2.75 6.64 27.76
N LYS B 49 2.26 7.56 26.94
CA LYS B 49 3.02 8.05 25.81
C LYS B 49 3.12 9.55 25.86
N ARG B 50 4.32 10.06 25.62
CA ARG B 50 4.57 11.50 25.66
C ARG B 50 5.80 11.74 24.80
N GLY B 51 5.58 11.96 23.50
CA GLY B 51 6.66 12.10 22.54
C GLY B 51 7.53 10.86 22.45
N ARG B 52 8.76 10.97 22.94
CA ARG B 52 9.72 9.87 22.84
C ARG B 52 9.61 8.87 23.99
N SER B 53 9.04 9.29 25.11
CA SER B 53 8.71 8.36 26.19
C SER B 53 7.56 7.46 25.74
N ASN B 54 7.68 6.17 26.04
CA ASN B 54 6.68 5.21 25.57
C ASN B 54 6.73 4.01 26.51
N LEU B 55 5.96 4.08 27.59
CA LEU B 55 6.01 3.10 28.66
C LEU B 55 4.88 2.11 28.50
N LEU B 56 5.23 0.83 28.38
CA LEU B 56 4.22 -0.21 28.46
C LEU B 56 3.65 -0.23 29.87
N TRP B 57 2.32 -0.08 29.95
CA TRP B 57 1.67 0.06 31.24
C TRP B 57 0.76 -1.11 31.59
N ASP B 58 0.04 -1.65 30.61
CA ASP B 58 -0.85 -2.77 30.86
C ASP B 58 -1.04 -3.51 29.54
N THR B 59 -1.16 -4.84 29.63
CA THR B 59 -1.42 -5.70 28.49
C THR B 59 -2.37 -6.81 28.91
N GLY B 60 -3.03 -7.39 27.92
CA GLY B 60 -3.95 -8.47 28.22
C GLY B 60 -4.78 -8.81 27.00
N VAL B 61 -5.74 -9.70 27.22
CA VAL B 61 -6.57 -10.25 26.15
C VAL B 61 -8.00 -10.36 26.65
N PHE B 62 -8.94 -9.83 25.88
CA PHE B 62 -10.37 -10.03 26.12
C PHE B 62 -10.95 -10.89 25.01
N ARG B 63 -11.95 -11.69 25.36
CA ARG B 63 -12.79 -12.35 24.39
C ARG B 63 -14.24 -11.93 24.62
N GLY B 64 -14.94 -11.64 23.54
CA GLY B 64 -16.35 -11.30 23.61
C GLY B 64 -17.05 -11.90 22.42
N GLN B 65 -18.35 -11.62 22.33
CA GLN B 65 -19.15 -12.05 21.20
C GLN B 65 -19.04 -11.04 20.06
N VAL B 66 -19.12 -11.54 18.83
CA VAL B 66 -19.25 -10.64 17.68
C VAL B 66 -20.66 -10.10 17.59
N TYR B 67 -21.65 -10.95 17.83
CA TYR B 67 -23.04 -10.54 17.78
C TYR B 67 -23.58 -10.58 19.22
N PHE B 68 -24.90 -10.73 19.36
CA PHE B 68 -25.59 -10.51 20.63
C PHE B 68 -25.50 -9.04 21.01
N LYS B 69 -26.02 -8.69 22.19
CA LYS B 69 -26.08 -7.28 22.58
C LYS B 69 -24.69 -6.76 22.90
N PRO B 70 -24.45 -5.45 22.70
CA PRO B 70 -23.08 -4.92 22.81
C PRO B 70 -22.46 -5.08 24.18
N GLN B 71 -23.26 -5.28 25.23
CA GLN B 71 -22.70 -5.57 26.55
C GLN B 71 -21.80 -6.80 26.54
N TYR B 72 -22.06 -7.74 25.63
CA TYR B 72 -21.27 -8.96 25.54
C TYR B 72 -20.06 -8.81 24.62
N HIS B 73 -19.81 -7.64 24.06
CA HIS B 73 -18.76 -7.51 23.05
C HIS B 73 -17.41 -7.22 23.69
N ALA B 74 -16.35 -7.69 23.02
CA ALA B 74 -14.99 -7.50 23.51
C ALA B 74 -14.68 -6.03 23.74
N GLU B 75 -15.15 -5.17 22.85
CA GLU B 75 -14.83 -3.74 22.93
C GLU B 75 -15.45 -3.09 24.16
N MET B 76 -16.66 -3.52 24.55
CA MET B 76 -17.26 -3.03 25.79
C MET B 76 -16.68 -3.71 27.02
N CYS B 77 -16.26 -4.98 26.90
CA CYS B 77 -15.48 -5.60 27.97
C CYS B 77 -14.24 -4.77 28.26
N PHE B 78 -13.52 -4.38 27.21
CA PHE B 78 -12.34 -3.56 27.39
C PHE B 78 -12.68 -2.20 27.99
N LEU B 79 -13.72 -1.54 27.46
CA LEU B 79 -14.00 -0.18 27.91
C LEU B 79 -14.42 -0.16 29.37
N SER B 80 -15.22 -1.16 29.77
CA SER B 80 -15.64 -1.24 31.18
C SER B 80 -14.45 -1.51 32.10
N TRP B 81 -13.56 -2.41 31.69
CA TRP B 81 -12.33 -2.64 32.47
C TRP B 81 -11.45 -1.39 32.53
N PHE B 82 -11.28 -0.70 31.40
CA PHE B 82 -10.39 0.47 31.35
C PHE B 82 -10.90 1.59 32.24
N CYS B 83 -12.19 1.90 32.17
CA CYS B 83 -12.74 2.95 33.02
C CYS B 83 -12.67 2.58 34.50
N GLY B 84 -12.82 1.29 34.84
CA GLY B 84 -12.78 0.89 36.22
C GLY B 84 -11.40 0.71 36.80
N ASN B 85 -10.39 0.51 35.96
CA ASN B 85 -9.09 0.07 36.43
C ASN B 85 -7.94 0.94 35.97
N GLN B 86 -8.09 1.70 34.89
CA GLN B 86 -7.05 2.63 34.47
C GLN B 86 -7.42 4.07 34.74
N LEU B 87 -8.71 4.37 34.87
CA LEU B 87 -9.23 5.69 35.17
C LEU B 87 -9.84 5.62 36.58
N PRO B 88 -9.89 6.76 37.29
CA PRO B 88 -9.48 8.10 36.85
C PRO B 88 -7.97 8.26 36.82
N ALA B 89 -7.47 8.91 35.78
CA ALA B 89 -6.05 9.25 35.67
C ALA B 89 -5.89 10.34 34.63
N ASP B 90 -4.86 11.14 34.81
CA ASP B 90 -4.56 12.29 33.95
C ASP B 90 -3.55 11.98 32.88
N LYS B 91 -2.96 10.79 32.88
CA LYS B 91 -1.90 10.44 31.95
C LYS B 91 -2.40 10.51 30.50
N CYS B 92 -1.45 10.71 29.59
CA CYS B 92 -1.68 10.49 28.17
C CYS B 92 -1.59 9.00 27.89
N PHE B 93 -2.69 8.40 27.48
CA PHE B 93 -2.73 6.98 27.19
C PHE B 93 -2.72 6.77 25.68
N GLN B 94 -1.88 5.85 25.22
CA GLN B 94 -2.01 5.33 23.87
C GLN B 94 -2.48 3.89 23.98
N ILE B 95 -3.68 3.61 23.48
CA ILE B 95 -4.25 2.27 23.50
C ILE B 95 -4.05 1.65 22.14
N THR B 96 -3.47 0.46 22.10
CA THR B 96 -3.31 -0.31 20.87
C THR B 96 -4.11 -1.60 21.01
N TRP B 97 -4.98 -1.86 20.04
CA TRP B 97 -5.71 -3.12 19.98
C TRP B 97 -5.24 -3.95 18.80
N PHE B 98 -5.16 -5.26 19.02
CA PHE B 98 -5.03 -6.22 17.95
C PHE B 98 -6.27 -7.09 18.02
N VAL B 99 -7.17 -6.95 17.04
CA VAL B 99 -8.50 -7.53 17.14
C VAL B 99 -8.74 -8.47 15.97
N SER B 100 -9.52 -9.50 16.22
CA SER B 100 -9.79 -10.46 15.15
C SER B 100 -10.88 -9.95 14.23
N TRP B 101 -11.81 -9.13 14.74
CA TRP B 101 -12.80 -8.43 13.92
C TRP B 101 -12.80 -6.95 14.30
N THR B 102 -13.14 -6.07 13.36
CA THR B 102 -13.36 -4.66 13.71
C THR B 102 -14.67 -4.53 14.51
N PRO B 103 -14.92 -3.36 15.14
CA PRO B 103 -16.10 -3.23 16.02
C PRO B 103 -17.40 -3.08 15.25
N CYS B 104 -18.47 -3.54 15.90
CA CYS B 104 -19.83 -3.35 15.40
C CYS B 104 -20.19 -1.87 15.46
N PRO B 105 -21.24 -1.46 14.75
CA PRO B 105 -21.58 -0.03 14.72
C PRO B 105 -21.96 0.54 16.07
N ASP B 106 -22.59 -0.25 16.94
CA ASP B 106 -22.92 0.27 18.27
C ASP B 106 -21.66 0.49 19.11
N CYS B 107 -20.68 -0.40 19.00
CA CYS B 107 -19.44 -0.16 19.73
C CYS B 107 -18.63 0.98 19.12
N VAL B 108 -18.74 1.19 17.81
CA VAL B 108 -18.12 2.38 17.22
C VAL B 108 -18.65 3.64 17.87
N ALA B 109 -19.96 3.71 18.05
CA ALA B 109 -20.56 4.90 18.65
C ALA B 109 -20.05 5.11 20.07
N LYS B 110 -20.05 4.04 20.90
CA LYS B 110 -19.56 4.18 22.27
C LYS B 110 -18.09 4.57 22.29
N LEU B 111 -17.27 3.97 21.42
CA LEU B 111 -15.85 4.28 21.38
C LEU B 111 -15.62 5.70 20.92
N ALA B 112 -16.37 6.14 19.90
CA ALA B 112 -16.24 7.51 19.41
C ALA B 112 -16.62 8.51 20.50
N GLU B 113 -17.70 8.23 21.23
CA GLU B 113 -18.07 9.11 22.33
C GLU B 113 -16.99 9.13 23.40
N PHE B 114 -16.47 7.96 23.75
CA PHE B 114 -15.40 7.87 24.74
C PHE B 114 -14.19 8.71 24.33
N LEU B 115 -13.77 8.58 23.07
CA LEU B 115 -12.61 9.35 22.61
C LEU B 115 -12.87 10.85 22.62
N SER B 116 -14.08 11.27 22.25
CA SER B 116 -14.37 12.69 22.23
C SER B 116 -14.39 13.28 23.64
N GLU B 117 -14.69 12.47 24.66
CA GLU B 117 -14.72 12.96 26.04
C GLU B 117 -13.41 12.77 26.76
N HIS B 118 -12.44 12.06 26.18
CA HIS B 118 -11.16 11.81 26.80
C HIS B 118 -10.08 12.18 25.80
N PRO B 119 -9.79 13.48 25.65
CA PRO B 119 -8.75 13.87 24.67
C PRO B 119 -7.36 13.40 25.05
N ASN B 120 -7.14 12.97 26.29
CA ASN B 120 -5.85 12.41 26.70
C ASN B 120 -5.66 10.96 26.26
N VAL B 121 -6.64 10.36 25.60
CA VAL B 121 -6.57 8.97 25.15
C VAL B 121 -6.52 8.96 23.62
N THR B 122 -5.60 8.17 23.06
CA THR B 122 -5.63 7.85 21.64
C THR B 122 -5.76 6.35 21.50
N LEU B 123 -6.46 5.92 20.44
CA LEU B 123 -6.69 4.50 20.20
C LEU B 123 -6.26 4.13 18.79
N THR B 124 -5.55 3.02 18.68
CA THR B 124 -5.22 2.40 17.40
C THR B 124 -5.82 1.01 17.39
N ILE B 125 -6.56 0.68 16.33
CA ILE B 125 -7.13 -0.63 16.16
C ILE B 125 -6.51 -1.24 14.92
N SER B 126 -5.85 -2.38 15.08
CA SER B 126 -5.34 -3.19 13.96
C SER B 126 -6.13 -4.48 13.95
N ALA B 127 -6.80 -4.78 12.84
CA ALA B 127 -7.76 -5.86 12.78
C ALA B 127 -7.28 -6.95 11.82
N ALA B 128 -7.53 -8.20 12.19
CA ALA B 128 -7.24 -9.30 11.27
C ALA B 128 -8.26 -9.32 10.13
N ARG B 129 -9.53 -9.09 10.43
CA ARG B 129 -10.59 -9.10 9.44
C ARG B 129 -11.53 -7.93 9.69
N LEU B 130 -12.29 -7.58 8.67
CA LEU B 130 -13.35 -6.58 8.78
C LEU B 130 -14.67 -7.21 9.21
N TYR B 131 -15.31 -6.60 10.20
CA TYR B 131 -16.70 -6.91 10.52
C TYR B 131 -17.55 -6.81 9.26
N TYR B 132 -18.59 -7.63 9.15
CA TYR B 132 -19.49 -7.56 7.97
C TYR B 132 -20.53 -6.47 8.18
N TYR B 133 -20.23 -5.25 7.74
CA TYR B 133 -21.13 -4.12 7.95
C TYR B 133 -22.28 -4.16 6.97
N SER B 134 -23.44 -3.68 7.41
CA SER B 134 -24.58 -3.53 6.53
C SER B 134 -24.33 -2.42 5.50
N GLU B 135 -25.20 -2.35 4.49
CA GLU B 135 -25.11 -1.31 3.48
C GLU B 135 -25.03 0.08 4.11
N ARG B 136 -25.87 0.33 5.13
CA ARG B 136 -25.88 1.65 5.76
C ARG B 136 -24.62 1.91 6.57
N ASP B 137 -24.05 0.88 7.22
CA ASP B 137 -22.88 1.08 8.08
C ASP B 137 -21.57 0.99 7.35
N TYR B 138 -21.56 0.44 6.12
CA TYR B 138 -20.33 0.09 5.45
C TYR B 138 -19.40 1.30 5.32
N ARG B 139 -19.90 2.40 4.77
CA ARG B 139 -19.11 3.61 4.59
C ARG B 139 -19.35 4.64 5.69
N ARG B 140 -19.93 4.23 6.82
CA ARG B 140 -20.19 5.14 7.92
C ARG B 140 -19.49 4.76 9.22
N ALA B 141 -19.56 3.49 9.62
CA ALA B 141 -19.16 3.13 10.99
C ALA B 141 -17.68 3.39 11.24
N LEU B 142 -16.80 2.76 10.44
CA LEU B 142 -15.38 2.96 10.69
C LEU B 142 -14.96 4.38 10.32
N CYS B 143 -15.63 4.99 9.35
CA CYS B 143 -15.36 6.39 9.04
C CYS B 143 -15.63 7.29 10.24
N ARG B 144 -16.73 7.04 10.96
CA ARG B 144 -17.04 7.83 12.15
C ARG B 144 -15.98 7.65 13.22
N LEU B 145 -15.52 6.42 13.41
CA LEU B 145 -14.50 6.14 14.41
C LEU B 145 -13.18 6.81 14.06
N SER B 146 -12.81 6.76 12.79
CA SER B 146 -11.59 7.39 12.34
C SER B 146 -11.67 8.91 12.47
N GLN B 147 -12.86 9.48 12.23
CA GLN B 147 -13.08 10.91 12.39
C GLN B 147 -13.00 11.35 13.84
N ALA B 148 -13.34 10.47 14.78
CA ALA B 148 -13.15 10.80 16.18
C ALA B 148 -11.69 10.71 16.60
N GLY B 149 -10.79 10.33 15.70
CA GLY B 149 -9.36 10.35 15.96
C GLY B 149 -8.71 8.99 16.09
N ALA B 150 -9.48 7.91 16.05
CA ALA B 150 -8.88 6.58 16.16
C ALA B 150 -8.19 6.23 14.86
N ARG B 151 -7.06 5.53 14.97
CA ARG B 151 -6.39 4.97 13.80
C ARG B 151 -6.87 3.55 13.60
N VAL B 152 -7.45 3.28 12.44
CA VAL B 152 -8.02 1.97 12.12
C VAL B 152 -7.23 1.42 10.94
N LYS B 153 -6.64 0.24 11.11
CA LYS B 153 -5.81 -0.34 10.06
C LYS B 153 -5.96 -1.86 10.06
N ILE B 154 -5.51 -2.47 8.97
CA ILE B 154 -5.45 -3.93 8.85
C ILE B 154 -4.15 -4.42 9.47
N MET B 155 -4.23 -5.52 10.23
CA MET B 155 -3.04 -6.11 10.83
C MET B 155 -2.11 -6.62 9.76
N ASP B 156 -0.84 -6.17 9.80
CA ASP B 156 0.17 -6.63 8.85
C ASP B 156 1.05 -7.72 9.47
N TYR B 157 1.96 -8.29 8.68
CA TYR B 157 2.73 -9.43 9.16
C TYR B 157 3.46 -9.10 10.46
N GLU B 158 4.07 -7.91 10.55
CA GLU B 158 4.83 -7.55 11.75
C GLU B 158 3.95 -7.58 12.99
N GLU B 159 2.68 -7.19 12.83
CA GLU B 159 1.77 -7.17 13.97
C GLU B 159 1.33 -8.56 14.38
N PHE B 160 1.07 -9.44 13.40
CA PHE B 160 0.82 -10.85 13.73
C PHE B 160 1.99 -11.46 14.49
N ALA B 161 3.22 -11.19 14.05
CA ALA B 161 4.37 -11.72 14.75
C ALA B 161 4.49 -11.13 16.15
N TYR B 162 4.23 -9.82 16.28
CA TYR B 162 4.24 -9.18 17.60
C TYR B 162 3.18 -9.77 18.52
N CYS B 163 2.01 -10.12 17.96
CA CYS B 163 0.98 -10.76 18.78
C CYS B 163 1.38 -12.16 19.18
N TRP B 164 1.96 -12.92 18.26
CA TRP B 164 2.42 -14.26 18.57
C TRP B 164 3.40 -14.22 19.75
N GLU B 165 4.28 -13.24 19.75
CA GLU B 165 5.29 -13.11 20.79
C GLU B 165 4.66 -12.78 22.14
N ASN B 166 3.73 -11.82 22.16
CA ASN B 166 3.29 -11.22 23.42
C ASN B 166 1.93 -11.69 23.91
N PHE B 167 1.03 -12.13 23.03
CA PHE B 167 -0.31 -12.50 23.49
C PHE B 167 -0.62 -13.98 23.31
N VAL B 168 0.35 -14.79 22.90
CA VAL B 168 0.14 -16.22 22.67
C VAL B 168 1.11 -17.02 23.54
N ASP B 169 0.60 -18.07 24.19
CA ASP B 169 1.45 -19.06 24.83
C ASP B 169 2.17 -19.88 23.77
N ASN B 170 3.14 -19.26 23.09
CA ASN B 170 3.73 -19.90 21.94
C ASN B 170 4.66 -21.04 22.32
N GLU B 171 5.16 -21.06 23.56
CA GLU B 171 6.00 -22.14 24.08
C GLU B 171 7.19 -22.41 23.16
N GLY B 172 7.82 -21.34 22.69
CA GLY B 172 8.99 -21.43 21.84
C GLY B 172 8.71 -21.54 20.36
N GLN B 173 7.51 -21.96 19.96
CA GLN B 173 7.17 -22.09 18.56
C GLN B 173 7.25 -20.75 17.83
N GLN B 174 7.36 -20.83 16.51
CA GLN B 174 7.34 -19.65 15.65
C GLN B 174 5.94 -19.46 15.06
N PHE B 175 5.66 -18.24 14.62
CA PHE B 175 4.40 -17.97 13.95
C PHE B 175 4.51 -18.43 12.49
N MET B 176 3.61 -19.33 12.09
CA MET B 176 3.56 -19.82 10.72
C MET B 176 2.39 -19.18 9.99
N PRO B 177 2.61 -18.25 9.08
CA PRO B 177 1.50 -17.51 8.46
C PRO B 177 0.76 -18.36 7.43
N TRP B 178 -0.53 -18.02 7.26
CA TRP B 178 -1.36 -18.71 6.30
C TRP B 178 -0.86 -18.47 4.88
N TYR B 179 -1.05 -19.47 4.02
CA TYR B 179 -0.52 -19.38 2.66
C TYR B 179 -1.11 -18.20 1.89
N LYS B 180 -2.37 -17.86 2.15
CA LYS B 180 -2.99 -16.73 1.48
C LYS B 180 -2.81 -15.41 2.23
N PHE B 181 -1.87 -15.36 3.19
CA PHE B 181 -1.75 -14.16 4.02
C PHE B 181 -1.60 -12.91 3.17
N ASP B 182 -0.69 -12.94 2.20
CA ASP B 182 -0.35 -11.73 1.45
C ASP B 182 -1.54 -11.23 0.62
N GLU B 183 -2.22 -12.11 -0.11
CA GLU B 183 -3.31 -11.60 -0.92
C GLU B 183 -4.53 -11.26 -0.06
N ASN B 184 -4.72 -11.93 1.06
CA ASN B 184 -5.78 -11.54 1.98
C ASN B 184 -5.52 -10.15 2.53
N TYR B 185 -4.30 -9.89 2.96
CA TYR B 185 -3.95 -8.56 3.46
C TYR B 185 -4.21 -7.50 2.40
N ALA B 186 -3.80 -7.77 1.16
CA ALA B 186 -3.95 -6.77 0.12
C ALA B 186 -5.42 -6.47 -0.15
N PHE B 187 -6.27 -7.49 -0.16
CA PHE B 187 -7.70 -7.24 -0.36
C PHE B 187 -8.29 -6.46 0.80
N LEU B 188 -7.93 -6.83 2.03
CA LEU B 188 -8.48 -6.14 3.20
C LEU B 188 -8.02 -4.69 3.25
N HIS B 189 -6.75 -4.43 2.94
CA HIS B 189 -6.22 -3.07 3.00
C HIS B 189 -6.92 -2.17 1.98
N ARG B 190 -7.22 -2.72 0.80
CA ARG B 190 -7.91 -1.95 -0.23
C ARG B 190 -9.36 -1.68 0.16
N THR B 191 -10.02 -2.66 0.76
CA THR B 191 -11.40 -2.50 1.19
C THR B 191 -11.51 -1.47 2.32
N LEU B 192 -10.58 -1.52 3.27
CA LEU B 192 -10.63 -0.55 4.35
C LEU B 192 -10.37 0.86 3.84
N LYS B 193 -9.39 1.01 2.94
CA LYS B 193 -9.14 2.31 2.34
C LYS B 193 -10.41 2.88 1.71
N GLU B 194 -11.22 2.03 1.06
CA GLU B 194 -12.47 2.50 0.47
C GLU B 194 -13.47 2.90 1.55
N ILE B 195 -13.55 2.10 2.62
CA ILE B 195 -14.45 2.36 3.74
C ILE B 195 -14.14 3.69 4.43
N LEU B 196 -12.87 4.07 4.47
CA LEU B 196 -12.43 5.29 5.15
C LEU B 196 -12.34 6.49 4.23
N ARG B 197 -12.74 6.36 2.96
CA ARG B 197 -12.49 7.30 1.84
C ARG B 197 -11.08 7.10 1.31
#